data_6B4L
#
_entry.id   6B4L
#
_cell.length_a   46.890
_cell.length_b   82.929
_cell.length_c   48.000
_cell.angle_alpha   90.000
_cell.angle_beta   117.500
_cell.angle_gamma   90.000
#
_symmetry.space_group_name_H-M   'P 1 21 1'
#
loop_
_entity.id
_entity.type
_entity.pdbx_description
1 polymer 'Induced myeloid leukemia cell differentiation protein Mcl-1'
2 non-polymer '3-{3-[(naphthalen-1-yl)oxy]propyl}-1H-indole-2-carboxylic acid'
3 water water
#
_entity_poly.entity_id   1
_entity_poly.type   'polypeptide(L)'
_entity_poly.pdbx_seq_one_letter_code
;GSMDLYRQSLEIISRYLREQATGAKDTKPMGRSGATSRKALETLRRVGDGVQRNHETAFQGMLRKLDIKNEDDVKSLSRV
MIHVFSDGVTNWGRIVTLISFGAFVAKHLKTINQESCIEPLAESITDVLVRTKRDWLVKQRGWDGFVEFFHVEDLEG
;
_entity_poly.pdbx_strand_id   A,B
#
loop_
_chem_comp.id
_chem_comp.type
_chem_comp.name
_chem_comp.formula
CJY non-polymer '3-{3-[(naphthalen-1-yl)oxy]propyl}-1H-indole-2-carboxylic acid' 'C22 H19 N O3'
#
# COMPACT_ATOMS: atom_id res chain seq x y z
N SER A 2 24.80 -10.22 22.98
CA SER A 2 24.45 -9.49 24.21
C SER A 2 22.93 -9.39 24.33
N MET A 3 22.36 -9.90 25.44
CA MET A 3 20.91 -9.93 25.64
C MET A 3 20.36 -8.52 25.89
N ASP A 4 21.19 -7.61 26.46
CA ASP A 4 20.77 -6.23 26.66
C ASP A 4 20.62 -5.52 25.33
N LEU A 5 21.59 -5.70 24.40
CA LEU A 5 21.55 -5.14 23.06
C LEU A 5 20.34 -5.71 22.31
N TYR A 6 20.11 -7.04 22.44
CA TYR A 6 18.94 -7.70 21.84
C TYR A 6 17.61 -7.14 22.36
N ARG A 7 17.41 -7.12 23.68
CA ARG A 7 16.14 -6.66 24.28
C ARG A 7 15.89 -5.15 24.02
N GLN A 8 16.95 -4.33 23.94
CA GLN A 8 16.78 -2.90 23.65
C GLN A 8 16.41 -2.74 22.18
N SER A 9 17.15 -3.42 21.29
CA SER A 9 16.89 -3.41 19.85
C SER A 9 15.46 -3.88 19.56
N LEU A 10 15.00 -4.97 20.23
CA LEU A 10 13.66 -5.53 20.05
C LEU A 10 12.57 -4.52 20.33
N GLU A 11 12.70 -3.77 21.42
CA GLU A 11 11.74 -2.75 21.81
C GLU A 11 11.67 -1.63 20.79
N ILE A 12 12.84 -1.11 20.33
CA ILE A 12 12.93 -0.03 19.32
C ILE A 12 12.30 -0.48 17.98
N ILE A 13 12.70 -1.66 17.47
CA ILE A 13 12.23 -2.21 16.18
C ILE A 13 10.72 -2.54 16.22
N SER A 14 10.27 -3.31 17.24
CA SER A 14 8.86 -3.69 17.35
C SER A 14 7.93 -2.49 17.53
N ARG A 15 8.37 -1.45 18.26
CA ARG A 15 7.59 -0.23 18.42
C ARG A 15 7.43 0.52 17.11
N TYR A 16 8.53 0.64 16.32
CA TYR A 16 8.50 1.32 15.01
C TYR A 16 7.65 0.58 14.00
N LEU A 17 7.81 -0.76 13.92
CA LEU A 17 7.01 -1.59 13.02
C LEU A 17 5.51 -1.54 13.34
N ARG A 18 5.14 -1.62 14.64
CA ARG A 18 3.75 -1.56 15.11
C ARG A 18 3.11 -0.22 14.82
N GLU A 19 3.79 0.89 15.14
CA GLU A 19 3.25 2.23 14.93
C GLU A 19 3.17 2.63 13.46
N GLN A 20 4.02 2.06 12.58
CA GLN A 20 3.97 2.33 11.13
C GLN A 20 2.74 1.63 10.57
N ALA A 21 2.46 0.39 11.05
CA ALA A 21 1.31 -0.42 10.65
C ALA A 21 -0.04 0.18 11.10
N THR A 22 -0.13 0.61 12.37
CA THR A 22 -1.35 1.16 12.96
C THR A 22 -1.60 2.64 12.62
N GLY A 23 -0.51 3.40 12.49
CA GLY A 23 -0.57 4.84 12.22
C GLY A 23 -0.59 5.65 13.50
N ALA A 24 -0.58 4.95 14.66
CA ALA A 24 -0.61 5.55 16.00
C ALA A 24 0.60 5.13 16.85
N LYS A 25 1.30 6.13 17.41
CA LYS A 25 2.46 5.93 18.29
C LYS A 25 2.04 5.43 19.67
N ASP A 26 2.86 4.56 20.28
CA ASP A 26 2.64 4.03 21.62
C ASP A 26 3.11 5.10 22.64
N THR A 27 2.50 5.11 23.84
CA THR A 27 2.83 6.04 24.94
C THR A 27 4.32 6.01 25.35
N LYS A 28 4.87 7.20 25.69
CA LYS A 28 6.26 7.48 26.07
C LYS A 28 7.00 6.40 26.94
N PRO A 29 6.46 5.83 28.06
CA PRO A 29 7.25 4.85 28.84
C PRO A 29 7.55 3.51 28.15
N MET A 30 8.85 3.15 28.10
CA MET A 30 9.49 1.93 27.57
C MET A 30 10.15 1.16 28.74
N GLY A 31 10.76 0.00 28.44
CA GLY A 31 11.42 -0.84 29.43
C GLY A 31 12.77 -0.31 29.88
N ARG A 32 13.72 -1.23 30.21
CA ARG A 32 15.08 -0.87 30.66
C ARG A 32 15.77 0.03 29.65
N SER A 33 16.54 1.02 30.17
CA SER A 33 17.23 2.12 29.47
C SER A 33 16.15 3.20 29.19
N GLY A 34 15.27 2.95 28.22
CA GLY A 34 14.13 3.80 27.89
C GLY A 34 14.42 5.18 27.33
N ALA A 35 15.26 5.99 28.02
CA ALA A 35 15.63 7.34 27.61
C ALA A 35 16.42 7.33 26.28
N THR A 36 17.36 6.37 26.14
CA THR A 36 18.16 6.17 24.92
C THR A 36 17.24 5.59 23.81
N SER A 37 16.36 4.63 24.18
CA SER A 37 15.42 3.96 23.30
C SER A 37 14.41 4.93 22.70
N ARG A 38 13.90 5.87 23.51
CA ARG A 38 12.95 6.90 23.09
C ARG A 38 13.61 7.83 22.07
N LYS A 39 14.88 8.21 22.31
CA LYS A 39 15.65 9.05 21.41
C LYS A 39 15.90 8.30 20.09
N ALA A 40 16.30 7.01 20.17
CA ALA A 40 16.53 6.13 19.03
C ALA A 40 15.27 5.96 18.17
N LEU A 41 14.10 5.76 18.80
CA LEU A 41 12.81 5.62 18.09
C LEU A 41 12.46 6.92 17.37
N GLU A 42 12.78 8.07 17.98
CA GLU A 42 12.54 9.39 17.41
C GLU A 42 13.42 9.68 16.19
N THR A 43 14.71 9.26 16.22
CA THR A 43 15.59 9.46 15.06
C THR A 43 15.20 8.45 13.97
N LEU A 44 14.82 7.21 14.38
CA LEU A 44 14.37 6.16 13.46
C LEU A 44 13.13 6.59 12.66
N ARG A 45 12.14 7.31 13.28
CA ARG A 45 10.95 7.85 12.61
C ARG A 45 11.39 8.84 11.51
N ARG A 46 12.30 9.78 11.85
CA ARG A 46 12.83 10.82 10.95
C ARG A 46 13.58 10.23 9.76
N VAL A 47 14.68 9.49 10.03
CA VAL A 47 15.53 8.87 9.00
C VAL A 47 14.77 7.77 8.22
N GLY A 48 14.11 6.87 8.96
CA GLY A 48 13.32 5.77 8.41
C GLY A 48 12.19 6.19 7.50
N ASP A 49 11.47 7.28 7.82
CA ASP A 49 10.39 7.75 6.94
C ASP A 49 10.98 8.30 5.61
N GLY A 50 12.14 8.96 5.69
CA GLY A 50 12.85 9.49 4.54
C GLY A 50 13.36 8.42 3.59
N VAL A 51 13.87 7.30 4.17
CA VAL A 51 14.39 6.12 3.49
C VAL A 51 13.25 5.43 2.71
N GLN A 52 12.07 5.28 3.36
CA GLN A 52 10.89 4.67 2.71
C GLN A 52 10.44 5.45 1.45
N ARG A 53 10.49 6.81 1.52
CA ARG A 53 10.17 7.73 0.42
C ARG A 53 11.27 7.66 -0.65
N ASN A 54 12.55 7.72 -0.23
CA ASN A 54 13.67 7.70 -1.16
C ASN A 54 13.83 6.38 -1.92
N HIS A 55 13.48 5.24 -1.28
CA HIS A 55 13.64 3.93 -1.93
C HIS A 55 12.31 3.23 -2.21
N GLU A 56 11.22 4.02 -2.35
CA GLU A 56 9.86 3.54 -2.61
C GLU A 56 9.78 2.49 -3.72
N THR A 57 10.37 2.76 -4.91
CA THR A 57 10.39 1.84 -6.06
C THR A 57 11.11 0.52 -5.72
N ALA A 58 12.31 0.60 -5.10
CA ALA A 58 13.09 -0.57 -4.68
C ALA A 58 12.33 -1.42 -3.66
N PHE A 59 11.71 -0.76 -2.65
CA PHE A 59 10.92 -1.41 -1.62
C PHE A 59 9.69 -2.11 -2.20
N GLN A 60 9.02 -1.45 -3.18
CA GLN A 60 7.89 -1.98 -3.94
C GLN A 60 8.32 -3.24 -4.72
N GLY A 61 9.49 -3.17 -5.38
CA GLY A 61 10.06 -4.28 -6.15
C GLY A 61 10.36 -5.47 -5.27
N MET A 62 11.09 -5.25 -4.14
CA MET A 62 11.42 -6.30 -3.17
C MET A 62 10.16 -6.93 -2.54
N LEU A 63 9.14 -6.11 -2.22
CA LEU A 63 7.86 -6.61 -1.67
C LEU A 63 7.23 -7.61 -2.67
N ARG A 64 7.13 -7.22 -3.95
CA ARG A 64 6.59 -8.07 -5.03
C ARG A 64 7.35 -9.38 -5.13
N LYS A 65 8.70 -9.33 -5.13
CA LYS A 65 9.60 -10.49 -5.18
C LYS A 65 9.32 -11.47 -4.02
N LEU A 66 9.16 -10.92 -2.79
CA LEU A 66 8.91 -11.73 -1.60
C LEU A 66 7.57 -12.46 -1.65
N ASP A 67 6.56 -11.88 -2.36
CA ASP A 67 5.23 -12.47 -2.59
C ASP A 67 4.61 -13.02 -1.26
N ILE A 68 4.56 -12.16 -0.24
CA ILE A 68 4.03 -12.46 1.11
C ILE A 68 2.50 -12.58 1.08
N LYS A 69 2.01 -13.78 1.44
CA LYS A 69 0.59 -14.13 1.42
C LYS A 69 0.09 -14.60 2.79
N ASN A 70 0.94 -15.34 3.52
CA ASN A 70 0.61 -15.97 4.80
C ASN A 70 1.78 -15.93 5.82
N GLU A 71 1.51 -16.44 7.04
CA GLU A 71 2.42 -16.58 8.17
C GLU A 71 3.68 -17.40 7.85
N ASP A 72 3.58 -18.36 6.92
CA ASP A 72 4.69 -19.23 6.51
C ASP A 72 5.68 -18.46 5.64
N ASP A 73 5.18 -17.54 4.79
CA ASP A 73 6.00 -16.67 3.94
C ASP A 73 6.86 -15.71 4.80
N VAL A 74 6.28 -15.20 5.90
CA VAL A 74 6.95 -14.29 6.86
C VAL A 74 8.18 -14.95 7.50
N LYS A 75 8.08 -16.25 7.86
CA LYS A 75 9.20 -16.99 8.47
C LYS A 75 10.29 -17.38 7.48
N SER A 76 9.92 -17.61 6.21
CA SER A 76 10.87 -17.95 5.13
C SER A 76 11.75 -16.73 4.72
N LEU A 77 11.35 -15.52 5.15
CA LEU A 77 11.99 -14.21 4.87
C LEU A 77 13.43 -14.16 5.33
N SER A 78 13.70 -14.53 6.61
CA SER A 78 15.02 -14.57 7.22
C SER A 78 16.11 -15.03 6.25
N ARG A 79 15.87 -16.10 5.45
CA ARG A 79 16.80 -16.60 4.41
C ARG A 79 17.33 -15.48 3.43
N VAL A 80 16.42 -14.62 2.86
CA VAL A 80 16.78 -13.51 1.95
C VAL A 80 17.41 -12.38 2.75
N MET A 81 16.83 -12.13 3.94
CA MET A 81 17.23 -11.08 4.87
C MET A 81 18.70 -11.24 5.23
N ILE A 82 19.10 -12.45 5.67
CA ILE A 82 20.49 -12.71 6.02
C ILE A 82 21.37 -12.63 4.73
N HIS A 83 20.89 -13.14 3.58
CA HIS A 83 21.64 -13.08 2.32
C HIS A 83 22.02 -11.64 1.91
N VAL A 84 20.99 -10.77 1.72
CA VAL A 84 21.16 -9.38 1.33
C VAL A 84 21.95 -8.57 2.37
N PHE A 85 21.60 -8.69 3.66
CA PHE A 85 22.18 -7.90 4.76
C PHE A 85 23.59 -8.31 5.20
N SER A 86 23.93 -9.63 5.13
CA SER A 86 25.26 -10.08 5.57
C SER A 86 26.39 -9.85 4.56
N ASP A 87 26.05 -9.69 3.26
CA ASP A 87 27.07 -9.41 2.25
C ASP A 87 27.26 -7.89 2.10
N GLY A 88 28.52 -7.47 2.02
CA GLY A 88 28.87 -6.06 1.86
C GLY A 88 29.21 -5.37 3.16
N VAL A 89 29.24 -4.03 3.10
CA VAL A 89 29.60 -3.17 4.21
C VAL A 89 28.53 -3.09 5.30
N THR A 90 28.96 -2.68 6.50
CA THR A 90 28.15 -2.45 7.69
C THR A 90 28.28 -0.98 8.12
N ASN A 91 27.15 -0.27 8.16
CA ASN A 91 27.05 1.13 8.57
C ASN A 91 25.62 1.40 9.07
N TRP A 92 25.37 2.56 9.76
CA TRP A 92 24.05 2.92 10.28
C TRP A 92 22.97 3.07 9.19
N GLY A 93 23.37 3.51 8.00
CA GLY A 93 22.47 3.67 6.87
C GLY A 93 21.87 2.35 6.42
N ARG A 94 22.68 1.29 6.42
CA ARG A 94 22.24 -0.05 6.03
C ARG A 94 21.35 -0.64 7.09
N ILE A 95 21.58 -0.29 8.38
CA ILE A 95 20.77 -0.77 9.52
C ILE A 95 19.37 -0.12 9.45
N VAL A 96 19.32 1.21 9.17
CA VAL A 96 18.09 1.97 8.97
C VAL A 96 17.28 1.34 7.83
N THR A 97 17.94 1.03 6.69
CA THR A 97 17.34 0.39 5.49
C THR A 97 16.68 -0.97 5.82
N LEU A 98 17.37 -1.81 6.62
CA LEU A 98 16.86 -3.12 7.07
C LEU A 98 15.57 -2.92 7.89
N ILE A 99 15.58 -1.94 8.84
CA ILE A 99 14.46 -1.62 9.73
C ILE A 99 13.31 -0.95 8.97
N SER A 100 13.60 0.06 8.11
CA SER A 100 12.61 0.80 7.30
C SER A 100 11.87 -0.15 6.38
N PHE A 101 12.58 -1.15 5.82
CA PHE A 101 11.93 -2.14 4.96
C PHE A 101 11.04 -3.06 5.77
N GLY A 102 11.38 -3.24 7.04
CA GLY A 102 10.57 -4.01 8.00
C GLY A 102 9.23 -3.31 8.20
N ALA A 103 9.27 -1.96 8.34
CA ALA A 103 8.11 -1.07 8.48
C ALA A 103 7.24 -1.14 7.20
N PHE A 104 7.88 -1.05 6.02
CA PHE A 104 7.23 -1.15 4.72
C PHE A 104 6.47 -2.50 4.60
N VAL A 105 7.12 -3.62 5.04
CA VAL A 105 6.53 -4.97 5.03
C VAL A 105 5.37 -5.05 6.06
N ALA A 106 5.54 -4.45 7.25
CA ALA A 106 4.55 -4.45 8.33
C ALA A 106 3.23 -3.81 7.88
N LYS A 107 3.31 -2.72 7.08
CA LYS A 107 2.12 -2.04 6.54
C LYS A 107 1.37 -2.96 5.57
N HIS A 108 2.09 -3.70 4.72
CA HIS A 108 1.56 -4.70 3.78
C HIS A 108 0.89 -5.84 4.54
N LEU A 109 1.49 -6.29 5.67
CA LEU A 109 0.93 -7.36 6.51
C LEU A 109 -0.43 -6.96 7.07
N LYS A 110 -0.61 -5.66 7.49
CA LYS A 110 -1.92 -5.19 7.98
C LYS A 110 -2.96 -5.28 6.86
N THR A 111 -2.57 -4.85 5.64
CA THR A 111 -3.36 -4.88 4.42
C THR A 111 -3.88 -6.31 4.09
N ILE A 112 -3.02 -7.34 4.25
CA ILE A 112 -3.40 -8.71 3.91
C ILE A 112 -3.90 -9.51 5.14
N ASN A 113 -4.34 -8.80 6.21
CA ASN A 113 -4.88 -9.37 7.46
C ASN A 113 -3.91 -10.31 8.19
N GLN A 114 -2.63 -9.98 8.12
CA GLN A 114 -1.54 -10.72 8.74
C GLN A 114 -0.82 -9.86 9.79
N GLU A 115 -1.56 -8.95 10.48
CA GLU A 115 -1.03 -8.05 11.49
C GLU A 115 -0.36 -8.77 12.65
N SER A 116 -0.83 -10.00 12.99
CA SER A 116 -0.27 -10.87 14.04
C SER A 116 1.17 -11.29 13.71
N CYS A 117 1.58 -11.20 12.43
CA CYS A 117 2.93 -11.52 11.98
C CYS A 117 3.92 -10.36 12.17
N ILE A 118 3.46 -9.14 12.51
CA ILE A 118 4.35 -7.97 12.65
C ILE A 118 5.42 -8.18 13.77
N GLU A 119 5.01 -8.71 14.94
CA GLU A 119 5.87 -9.00 16.09
C GLU A 119 6.90 -10.09 15.72
N PRO A 120 6.51 -11.29 15.20
CA PRO A 120 7.52 -12.26 14.73
C PRO A 120 8.50 -11.68 13.70
N LEU A 121 8.01 -10.83 12.77
CA LEU A 121 8.85 -10.16 11.77
C LEU A 121 9.88 -9.24 12.44
N ALA A 122 9.44 -8.41 13.41
CA ALA A 122 10.27 -7.48 14.18
C ALA A 122 11.34 -8.25 14.97
N GLU A 123 10.94 -9.43 15.47
CA GLU A 123 11.77 -10.35 16.24
C GLU A 123 12.89 -10.89 15.32
N SER A 124 12.50 -11.36 14.13
CA SER A 124 13.41 -11.89 13.10
C SER A 124 14.47 -10.85 12.65
N ILE A 125 14.04 -9.58 12.42
CA ILE A 125 14.94 -8.48 12.05
C ILE A 125 15.92 -8.19 13.22
N THR A 126 15.39 -8.09 14.47
CA THR A 126 16.20 -7.84 15.68
C THR A 126 17.27 -8.89 15.84
N ASP A 127 16.89 -10.18 15.70
CA ASP A 127 17.75 -11.34 15.81
C ASP A 127 18.88 -11.32 14.76
N VAL A 128 18.55 -11.15 13.47
CA VAL A 128 19.51 -11.05 12.36
C VAL A 128 20.49 -9.89 12.59
N LEU A 129 19.97 -8.72 12.97
CA LEU A 129 20.80 -7.53 13.23
C LEU A 129 21.81 -7.76 14.34
N VAL A 130 21.34 -8.11 15.56
CA VAL A 130 22.22 -8.25 16.73
C VAL A 130 23.13 -9.49 16.58
N ARG A 131 22.65 -10.61 16.04
CA ARG A 131 23.47 -11.82 15.85
C ARG A 131 24.64 -11.61 14.88
N THR A 132 24.40 -10.99 13.70
CA THR A 132 25.43 -10.74 12.68
C THR A 132 26.28 -9.47 12.90
N LYS A 133 25.80 -8.48 13.68
CA LYS A 133 26.52 -7.20 13.84
C LYS A 133 26.84 -6.81 15.28
N ARG A 134 26.82 -7.79 16.22
CA ARG A 134 27.10 -7.64 17.66
C ARG A 134 28.31 -6.73 17.98
N ASP A 135 29.52 -7.14 17.53
CA ASP A 135 30.80 -6.45 17.76
C ASP A 135 30.85 -5.01 17.22
N TRP A 136 30.37 -4.79 15.98
CA TRP A 136 30.29 -3.47 15.37
C TRP A 136 29.37 -2.57 16.18
N LEU A 137 28.21 -3.10 16.63
CA LEU A 137 27.23 -2.36 17.45
C LEU A 137 27.82 -1.95 18.80
N VAL A 138 28.58 -2.86 19.47
CA VAL A 138 29.26 -2.61 20.76
C VAL A 138 30.30 -1.47 20.59
N LYS A 139 31.09 -1.53 19.48
CA LYS A 139 32.11 -0.53 19.15
C LYS A 139 31.50 0.87 18.95
N GLN A 140 30.29 0.94 18.37
CA GLN A 140 29.59 2.19 18.12
C GLN A 140 28.77 2.68 19.31
N ARG A 141 28.84 1.92 20.44
CA ARG A 141 28.11 2.18 21.70
C ARG A 141 26.62 2.08 21.46
N GLY A 142 26.22 1.01 20.75
CA GLY A 142 24.84 0.67 20.41
C GLY A 142 23.97 1.79 19.89
N TRP A 143 22.77 1.91 20.48
CA TRP A 143 21.74 2.89 20.08
C TRP A 143 22.08 4.34 20.46
N ASP A 144 23.11 4.55 21.31
CA ASP A 144 23.59 5.89 21.66
C ASP A 144 24.35 6.47 20.46
N GLY A 145 25.14 5.62 19.78
CA GLY A 145 25.88 5.98 18.59
C GLY A 145 25.03 6.20 17.35
N PHE A 146 23.85 5.54 17.29
CA PHE A 146 22.88 5.65 16.22
C PHE A 146 22.29 7.07 16.22
N VAL A 147 21.87 7.55 17.41
CA VAL A 147 21.32 8.89 17.69
C VAL A 147 22.36 9.98 17.36
N GLU A 148 23.63 9.80 17.81
CA GLU A 148 24.75 10.72 17.56
C GLU A 148 25.03 10.85 16.07
N PHE A 149 25.21 9.70 15.38
CA PHE A 149 25.45 9.62 13.93
C PHE A 149 24.45 10.44 13.11
N PHE A 150 23.15 10.39 13.44
CA PHE A 150 22.12 11.09 12.69
C PHE A 150 21.77 12.48 13.24
N HIS A 151 22.38 12.88 14.37
CA HIS A 151 22.17 14.18 15.02
C HIS A 151 22.53 15.35 14.10
N SER B 2 -27.03 -0.12 -22.73
CA SER B 2 -26.47 0.49 -23.94
C SER B 2 -25.02 0.05 -24.09
N MET B 3 -24.68 -0.59 -25.24
CA MET B 3 -23.32 -1.06 -25.53
C MET B 3 -22.35 0.10 -25.70
N ASP B 4 -22.86 1.25 -26.18
CA ASP B 4 -22.15 2.51 -26.41
C ASP B 4 -21.59 3.02 -25.11
N LEU B 5 -22.48 3.08 -24.11
CA LEU B 5 -22.21 3.55 -22.75
C LEU B 5 -21.26 2.56 -22.08
N TYR B 6 -21.52 1.24 -22.25
CA TYR B 6 -20.66 0.20 -21.69
C TYR B 6 -19.23 0.24 -22.24
N ARG B 7 -19.05 0.23 -23.57
CA ARG B 7 -17.73 0.22 -24.20
C ARG B 7 -16.96 1.52 -23.94
N GLN B 8 -17.65 2.68 -23.83
CA GLN B 8 -16.98 3.95 -23.52
C GLN B 8 -16.54 3.92 -22.04
N SER B 9 -17.46 3.53 -21.13
CA SER B 9 -17.17 3.40 -19.71
C SER B 9 -15.99 2.46 -19.47
N LEU B 10 -15.97 1.29 -20.18
CA LEU B 10 -14.91 0.28 -20.05
C LEU B 10 -13.54 0.84 -20.36
N GLU B 11 -13.43 1.63 -21.44
CA GLU B 11 -12.17 2.25 -21.86
C GLU B 11 -11.68 3.24 -20.83
N ILE B 12 -12.57 4.14 -20.32
CA ILE B 12 -12.24 5.14 -19.29
C ILE B 12 -11.77 4.47 -17.99
N ILE B 13 -12.56 3.49 -17.48
CA ILE B 13 -12.26 2.78 -16.22
C ILE B 13 -10.98 1.94 -16.32
N SER B 14 -10.85 1.10 -17.37
CA SER B 14 -9.68 0.24 -17.54
C SER B 14 -8.39 1.02 -17.73
N ARG B 15 -8.45 2.17 -18.43
CA ARG B 15 -7.29 3.04 -18.62
C ARG B 15 -6.85 3.64 -17.30
N TYR B 16 -7.80 4.13 -16.48
CA TYR B 16 -7.50 4.71 -15.16
C TYR B 16 -6.93 3.69 -14.19
N LEU B 17 -7.55 2.49 -14.12
CA LEU B 17 -7.07 1.41 -13.25
C LEU B 17 -5.67 0.93 -13.62
N ARG B 18 -5.40 0.75 -14.95
CA ARG B 18 -4.10 0.33 -15.47
C ARG B 18 -3.00 1.35 -15.19
N GLU B 19 -3.27 2.64 -15.47
CA GLU B 19 -2.27 3.71 -15.27
C GLU B 19 -1.99 4.02 -13.80
N GLN B 20 -2.97 3.77 -12.90
CA GLN B 20 -2.78 3.96 -11.46
C GLN B 20 -1.85 2.85 -10.95
N ALA B 21 -2.05 1.61 -11.45
CA ALA B 21 -1.25 0.44 -11.10
C ALA B 21 0.19 0.52 -11.60
N THR B 22 0.40 0.92 -12.88
CA THR B 22 1.71 1.02 -13.50
C THR B 22 2.48 2.31 -13.14
N GLY B 23 1.74 3.40 -12.96
CA GLY B 23 2.32 4.71 -12.67
C GLY B 23 2.60 5.49 -13.94
N ALA B 24 2.29 4.88 -15.11
CA ALA B 24 2.48 5.47 -16.43
C ALA B 24 1.18 5.56 -17.24
N LYS B 25 0.86 6.77 -17.73
CA LYS B 25 -0.32 7.04 -18.56
C LYS B 25 -0.13 6.48 -19.98
N ASP B 26 -1.23 5.97 -20.57
CA ASP B 26 -1.27 5.45 -21.93
C ASP B 26 -1.31 6.66 -22.86
N THR B 27 -0.43 6.68 -23.90
CA THR B 27 -0.36 7.81 -24.85
C THR B 27 -1.14 7.51 -26.11
N LYS B 28 -1.38 6.21 -26.39
CA LYS B 28 -2.11 5.71 -27.56
C LYS B 28 -3.50 6.34 -27.68
N PRO B 29 -3.97 6.63 -28.93
CA PRO B 29 -5.33 7.18 -29.09
C PRO B 29 -6.42 6.22 -28.58
N MET B 30 -7.56 6.78 -28.17
CA MET B 30 -8.63 5.94 -27.65
C MET B 30 -9.54 5.46 -28.80
N GLY B 31 -10.49 4.59 -28.50
CA GLY B 31 -11.43 4.05 -29.48
C GLY B 31 -12.51 5.03 -29.86
N ARG B 32 -13.72 4.52 -30.18
CA ARG B 32 -14.87 5.35 -30.57
C ARG B 32 -15.21 6.39 -29.51
N SER B 33 -15.61 7.59 -29.97
CA SER B 33 -15.85 8.83 -29.22
C SER B 33 -14.48 9.46 -28.98
N GLY B 34 -13.70 8.90 -28.05
CA GLY B 34 -12.32 9.31 -27.76
C GLY B 34 -12.09 10.69 -27.18
N ALA B 35 -12.63 11.76 -27.84
CA ALA B 35 -12.49 13.14 -27.40
C ALA B 35 -13.18 13.38 -26.06
N THR B 36 -14.39 12.81 -25.87
CA THR B 36 -15.15 12.87 -24.63
C THR B 36 -14.47 12.00 -23.55
N SER B 37 -13.99 10.80 -23.96
CA SER B 37 -13.30 9.82 -23.11
C SER B 37 -12.01 10.36 -22.55
N ARG B 38 -11.22 11.09 -23.38
CA ARG B 38 -9.96 11.72 -22.99
C ARG B 38 -10.23 12.80 -21.94
N LYS B 39 -11.30 13.60 -22.13
CA LYS B 39 -11.72 14.64 -21.17
C LYS B 39 -12.14 14.00 -19.85
N ALA B 40 -12.97 12.93 -19.92
CA ALA B 40 -13.45 12.17 -18.78
C ALA B 40 -12.30 11.55 -17.97
N LEU B 41 -11.28 10.96 -18.66
CA LEU B 41 -10.10 10.38 -18.02
C LEU B 41 -9.29 11.44 -17.29
N GLU B 42 -9.23 12.65 -17.87
CA GLU B 42 -8.52 13.81 -17.31
C GLU B 42 -9.19 14.34 -16.04
N THR B 43 -10.55 14.40 -16.01
CA THR B 43 -11.26 14.84 -14.79
C THR B 43 -11.19 13.73 -13.75
N LEU B 44 -11.28 12.47 -14.18
CA LEU B 44 -11.19 11.30 -13.31
C LEU B 44 -9.85 11.23 -12.58
N ARG B 45 -8.71 11.63 -13.24
CA ARG B 45 -7.37 11.69 -12.61
C ARG B 45 -7.41 12.72 -11.48
N ARG B 46 -7.90 13.93 -11.77
CA ARG B 46 -8.00 15.04 -10.84
C ARG B 46 -8.85 14.69 -9.61
N VAL B 47 -10.14 14.39 -9.80
CA VAL B 47 -11.10 14.08 -8.73
C VAL B 47 -10.73 12.77 -8.02
N GLY B 48 -10.47 11.72 -8.81
CA GLY B 48 -10.11 10.41 -8.32
C GLY B 48 -8.86 10.35 -7.47
N ASP B 49 -7.80 11.13 -7.81
CA ASP B 49 -6.59 11.16 -7.01
C ASP B 49 -6.87 11.86 -5.66
N GLY B 50 -7.80 12.81 -5.69
CA GLY B 50 -8.27 13.54 -4.51
C GLY B 50 -9.07 12.66 -3.57
N VAL B 51 -10.06 11.89 -4.12
CA VAL B 51 -10.91 10.96 -3.35
C VAL B 51 -10.02 9.95 -2.58
N GLN B 52 -9.00 9.38 -3.26
CA GLN B 52 -8.05 8.41 -2.68
C GLN B 52 -7.27 8.96 -1.49
N ARG B 53 -6.85 10.24 -1.57
CA ARG B 53 -6.13 10.93 -0.51
C ARG B 53 -7.08 11.34 0.63
N ASN B 54 -8.22 11.93 0.27
CA ASN B 54 -9.20 12.40 1.25
C ASN B 54 -9.87 11.27 2.04
N HIS B 55 -10.10 10.10 1.39
CA HIS B 55 -10.76 8.95 2.03
C HIS B 55 -9.84 7.72 2.17
N GLU B 56 -8.54 7.97 2.36
CA GLU B 56 -7.49 6.97 2.53
C GLU B 56 -7.80 5.93 3.62
N THR B 57 -8.24 6.38 4.82
CA THR B 57 -8.59 5.51 5.96
C THR B 57 -9.75 4.56 5.61
N ALA B 58 -10.85 5.10 5.00
CA ALA B 58 -12.00 4.30 4.59
C ALA B 58 -11.62 3.24 3.53
N PHE B 59 -10.80 3.64 2.54
CA PHE B 59 -10.34 2.74 1.46
C PHE B 59 -9.46 1.63 2.06
N GLN B 60 -8.56 2.00 3.00
CA GLN B 60 -7.71 1.06 3.76
C GLN B 60 -8.57 0.05 4.50
N GLY B 61 -9.63 0.52 5.18
CA GLY B 61 -10.58 -0.33 5.91
C GLY B 61 -11.30 -1.31 5.01
N MET B 62 -11.89 -0.79 3.89
CA MET B 62 -12.58 -1.64 2.91
C MET B 62 -11.65 -2.67 2.25
N LEU B 63 -10.39 -2.27 1.93
CA LEU B 63 -9.38 -3.18 1.36
C LEU B 63 -9.14 -4.36 2.31
N ARG B 64 -8.92 -4.08 3.61
CA ARG B 64 -8.71 -5.07 4.65
C ARG B 64 -9.90 -6.05 4.74
N LYS B 65 -11.14 -5.49 4.76
CA LYS B 65 -12.39 -6.28 4.79
C LYS B 65 -12.47 -7.25 3.63
N LEU B 66 -12.13 -6.79 2.41
CA LEU B 66 -12.17 -7.62 1.19
C LEU B 66 -11.17 -8.77 1.22
N ASP B 67 -10.04 -8.59 1.95
CA ASP B 67 -9.01 -9.63 2.17
C ASP B 67 -8.57 -10.32 0.85
N ILE B 68 -8.19 -9.50 -0.16
CA ILE B 68 -7.81 -9.96 -1.50
C ILE B 68 -6.40 -10.61 -1.48
N LYS B 69 -6.35 -11.90 -1.83
CA LYS B 69 -5.13 -12.71 -1.84
C LYS B 69 -4.84 -13.30 -3.24
N ASN B 70 -5.90 -13.58 -4.05
CA ASN B 70 -5.76 -14.19 -5.37
C ASN B 70 -6.91 -13.85 -6.34
N GLU B 71 -6.92 -14.48 -7.54
CA GLU B 71 -7.88 -14.29 -8.65
C GLU B 71 -9.32 -14.64 -8.29
N ASP B 72 -9.49 -15.58 -7.36
CA ASP B 72 -10.80 -16.05 -6.90
C ASP B 72 -11.48 -15.01 -6.01
N ASP B 73 -10.67 -14.32 -5.17
CA ASP B 73 -11.11 -13.24 -4.29
C ASP B 73 -11.61 -12.04 -5.10
N VAL B 74 -10.95 -11.72 -6.23
CA VAL B 74 -11.30 -10.62 -7.15
C VAL B 74 -12.72 -10.81 -7.73
N LYS B 75 -13.07 -12.06 -8.10
CA LYS B 75 -14.40 -12.36 -8.67
C LYS B 75 -15.51 -12.34 -7.58
N SER B 76 -15.13 -12.51 -6.29
CA SER B 76 -16.00 -12.48 -5.11
C SER B 76 -16.58 -11.08 -4.86
N LEU B 77 -15.66 -10.06 -4.82
CA LEU B 77 -15.83 -8.61 -4.62
C LEU B 77 -17.08 -8.01 -5.26
N SER B 78 -17.50 -8.57 -6.42
CA SER B 78 -18.65 -8.13 -7.20
C SER B 78 -19.94 -8.02 -6.39
N ARG B 79 -20.23 -8.98 -5.48
CA ARG B 79 -21.46 -8.94 -4.68
C ARG B 79 -21.46 -7.79 -3.67
N VAL B 80 -20.32 -7.53 -3.00
CA VAL B 80 -20.25 -6.38 -2.06
C VAL B 80 -20.42 -5.09 -2.84
N MET B 81 -19.78 -5.02 -4.01
CA MET B 81 -19.79 -3.88 -4.92
C MET B 81 -21.22 -3.51 -5.33
N ILE B 82 -22.05 -4.50 -5.74
CA ILE B 82 -23.45 -4.21 -6.09
C ILE B 82 -24.23 -3.85 -4.80
N HIS B 83 -23.94 -4.54 -3.67
CA HIS B 83 -24.62 -4.28 -2.40
C HIS B 83 -24.45 -2.82 -1.94
N VAL B 84 -23.20 -2.39 -1.73
CA VAL B 84 -22.85 -1.03 -1.28
C VAL B 84 -23.31 0.04 -2.28
N PHE B 85 -23.05 -0.15 -3.59
CA PHE B 85 -23.34 0.84 -4.62
C PHE B 85 -24.83 0.96 -5.04
N SER B 86 -25.61 -0.14 -5.01
CA SER B 86 -27.02 -0.09 -5.42
C SER B 86 -27.97 0.47 -4.36
N ASP B 87 -27.59 0.43 -3.07
CA ASP B 87 -28.42 0.99 -2.01
C ASP B 87 -28.08 2.47 -1.81
N GLY B 88 -29.10 3.30 -1.63
CA GLY B 88 -28.93 4.72 -1.41
C GLY B 88 -29.05 5.54 -2.66
N VAL B 89 -28.60 6.81 -2.58
CA VAL B 89 -28.69 7.75 -3.67
C VAL B 89 -27.67 7.50 -4.79
N THR B 90 -27.97 8.07 -5.96
CA THR B 90 -27.16 8.00 -7.18
C THR B 90 -26.74 9.42 -7.57
N ASN B 91 -25.42 9.65 -7.63
CA ASN B 91 -24.82 10.94 -8.03
C ASN B 91 -23.41 10.68 -8.56
N TRP B 92 -22.78 11.69 -9.21
CA TRP B 92 -21.41 11.57 -9.76
C TRP B 92 -20.36 11.33 -8.69
N GLY B 93 -20.57 11.91 -7.50
CA GLY B 93 -19.69 11.76 -6.34
C GLY B 93 -19.54 10.32 -5.88
N ARG B 94 -20.63 9.54 -6.01
CA ARG B 94 -20.65 8.12 -5.67
C ARG B 94 -20.02 7.29 -6.78
N ILE B 95 -20.13 7.74 -8.05
CA ILE B 95 -19.56 7.04 -9.22
C ILE B 95 -18.02 7.17 -9.21
N VAL B 96 -17.49 8.37 -8.88
CA VAL B 96 -16.05 8.58 -8.75
C VAL B 96 -15.48 7.75 -7.59
N THR B 97 -16.24 7.58 -6.48
CA THR B 97 -15.80 6.80 -5.31
C THR B 97 -15.70 5.31 -5.69
N LEU B 98 -16.66 4.81 -6.50
CA LEU B 98 -16.67 3.44 -7.00
C LEU B 98 -15.41 3.19 -7.85
N ILE B 99 -15.09 4.14 -8.77
CA ILE B 99 -13.96 4.04 -9.69
C ILE B 99 -12.60 4.23 -8.98
N SER B 100 -12.49 5.27 -8.10
CA SER B 100 -11.27 5.56 -7.32
C SER B 100 -10.88 4.40 -6.44
N PHE B 101 -11.86 3.73 -5.80
CA PHE B 101 -11.56 2.56 -5.01
C PHE B 101 -11.11 1.41 -5.90
N GLY B 102 -11.57 1.37 -7.14
CA GLY B 102 -11.13 0.38 -8.13
C GLY B 102 -9.64 0.54 -8.39
N ALA B 103 -9.18 1.81 -8.51
CA ALA B 103 -7.79 2.22 -8.68
C ALA B 103 -6.96 1.82 -7.45
N PHE B 104 -7.49 2.11 -6.24
CA PHE B 104 -6.87 1.76 -4.97
C PHE B 104 -6.68 0.22 -4.89
N VAL B 105 -7.69 -0.58 -5.31
CA VAL B 105 -7.62 -2.05 -5.33
C VAL B 105 -6.61 -2.52 -6.40
N ALA B 106 -6.58 -1.88 -7.59
CA ALA B 106 -5.68 -2.21 -8.70
C ALA B 106 -4.19 -2.10 -8.27
N LYS B 107 -3.86 -1.06 -7.47
CA LYS B 107 -2.50 -0.87 -6.96
C LYS B 107 -2.11 -2.00 -6.01
N HIS B 108 -3.04 -2.45 -5.16
CA HIS B 108 -2.88 -3.58 -4.24
C HIS B 108 -2.67 -4.87 -5.01
N LEU B 109 -3.42 -5.06 -6.12
CA LEU B 109 -3.28 -6.24 -7.01
C LEU B 109 -1.88 -6.33 -7.61
N LYS B 110 -1.26 -5.19 -7.99
CA LYS B 110 0.11 -5.20 -8.52
C LYS B 110 1.08 -5.66 -7.42
N THR B 111 0.89 -5.13 -6.20
CA THR B 111 1.65 -5.47 -5.00
C THR B 111 1.63 -6.98 -4.69
N ILE B 112 0.47 -7.64 -4.83
CA ILE B 112 0.34 -9.06 -4.51
C ILE B 112 0.50 -9.97 -5.75
N ASN B 113 1.14 -9.45 -6.82
CA ASN B 113 1.43 -10.15 -8.09
C ASN B 113 0.18 -10.68 -8.79
N GLN B 114 -0.91 -9.92 -8.70
CA GLN B 114 -2.20 -10.23 -9.31
C GLN B 114 -2.59 -9.17 -10.36
N GLU B 115 -1.59 -8.58 -11.06
CA GLU B 115 -1.80 -7.52 -12.06
C GLU B 115 -2.72 -7.96 -13.22
N SER B 116 -2.73 -9.27 -13.55
CA SER B 116 -3.60 -9.85 -14.58
C SER B 116 -5.09 -9.74 -14.22
N CYS B 117 -5.40 -9.53 -12.92
CA CYS B 117 -6.76 -9.34 -12.43
C CYS B 117 -7.28 -7.89 -12.60
N ILE B 118 -6.40 -6.91 -12.97
CA ILE B 118 -6.83 -5.51 -13.09
C ILE B 118 -7.95 -5.33 -14.16
N GLU B 119 -7.80 -5.97 -15.34
CA GLU B 119 -8.75 -5.91 -16.46
C GLU B 119 -10.11 -6.55 -16.07
N PRO B 120 -10.25 -7.84 -15.60
CA PRO B 120 -11.58 -8.30 -15.12
C PRO B 120 -12.17 -7.43 -13.98
N LEU B 121 -11.32 -6.87 -13.08
CA LEU B 121 -11.81 -5.97 -12.04
C LEU B 121 -12.47 -4.72 -12.69
N ALA B 122 -11.77 -4.08 -13.66
CA ALA B 122 -12.23 -2.90 -14.41
C ALA B 122 -13.52 -3.21 -15.18
N GLU B 123 -13.63 -4.45 -15.69
CA GLU B 123 -14.78 -4.99 -16.41
C GLU B 123 -15.97 -5.07 -15.47
N SER B 124 -15.75 -5.65 -14.29
CA SER B 124 -16.75 -5.82 -13.23
C SER B 124 -17.34 -4.46 -12.74
N ILE B 125 -16.48 -3.44 -12.55
CA ILE B 125 -16.86 -2.08 -12.15
C ILE B 125 -17.73 -1.44 -13.23
N THR B 126 -17.29 -1.54 -14.50
CA THR B 126 -17.99 -1.00 -15.66
C THR B 126 -19.37 -1.61 -15.80
N ASP B 127 -19.46 -2.95 -15.68
CA ASP B 127 -20.71 -3.72 -15.77
C ASP B 127 -21.72 -3.27 -14.69
N VAL B 128 -21.30 -3.21 -13.42
CA VAL B 128 -22.13 -2.79 -12.28
C VAL B 128 -22.64 -1.37 -12.49
N LEU B 129 -21.74 -0.44 -12.90
CA LEU B 129 -22.07 0.95 -13.16
C LEU B 129 -23.14 1.12 -14.22
N VAL B 130 -22.91 0.59 -15.43
CA VAL B 130 -23.83 0.77 -16.55
C VAL B 130 -25.12 -0.06 -16.37
N ARG B 131 -25.04 -1.29 -15.85
CA ARG B 131 -26.23 -2.12 -15.63
C ARG B 131 -27.22 -1.52 -14.64
N THR B 132 -26.74 -1.04 -13.47
CA THR B 132 -27.60 -0.47 -12.42
C THR B 132 -27.98 1.01 -12.61
N LYS B 133 -27.22 1.80 -13.41
CA LYS B 133 -27.47 3.24 -13.55
C LYS B 133 -27.67 3.73 -14.97
N ARG B 134 -27.98 2.82 -15.91
CA ARG B 134 -28.18 3.10 -17.34
C ARG B 134 -29.00 4.39 -17.61
N ASP B 135 -30.26 4.43 -17.14
CA ASP B 135 -31.22 5.54 -17.32
C ASP B 135 -30.74 6.88 -16.75
N TRP B 136 -30.20 6.86 -15.51
CA TRP B 136 -29.65 8.04 -14.85
C TRP B 136 -28.48 8.58 -15.66
N LEU B 137 -27.59 7.69 -16.16
CA LEU B 137 -26.41 8.06 -16.98
C LEU B 137 -26.84 8.71 -18.30
N VAL B 138 -27.89 8.15 -18.98
CA VAL B 138 -28.43 8.69 -20.23
C VAL B 138 -29.00 10.12 -20.00
N LYS B 139 -29.74 10.31 -18.88
CA LYS B 139 -30.33 11.59 -18.49
C LYS B 139 -29.26 12.67 -18.25
N GLN B 140 -28.09 12.27 -17.71
CA GLN B 140 -26.98 13.18 -17.43
C GLN B 140 -26.08 13.39 -18.63
N ARG B 141 -26.41 12.77 -19.78
CA ARG B 141 -25.66 12.80 -21.04
C ARG B 141 -24.30 12.12 -20.85
N GLY B 142 -24.32 10.97 -20.19
CA GLY B 142 -23.16 10.13 -19.91
C GLY B 142 -21.93 10.84 -19.38
N TRP B 143 -20.77 10.54 -20.01
CA TRP B 143 -19.46 11.04 -19.62
C TRP B 143 -19.26 12.55 -19.93
N ASP B 144 -20.15 13.16 -20.74
CA ASP B 144 -20.11 14.60 -21.02
C ASP B 144 -20.59 15.35 -19.77
N GLY B 145 -21.60 14.81 -19.09
CA GLY B 145 -22.17 15.36 -17.87
C GLY B 145 -21.27 15.22 -16.65
N PHE B 146 -20.41 14.18 -16.65
CA PHE B 146 -19.43 13.89 -15.62
C PHE B 146 -18.37 15.01 -15.59
N VAL B 147 -17.84 15.38 -16.79
CA VAL B 147 -16.86 16.45 -17.04
C VAL B 147 -17.44 17.83 -16.60
N GLU B 148 -18.71 18.11 -17.00
CA GLU B 148 -19.44 19.35 -16.67
C GLU B 148 -19.63 19.47 -15.14
N PHE B 149 -20.15 18.41 -14.50
CA PHE B 149 -20.36 18.36 -13.05
C PHE B 149 -19.10 18.73 -12.23
N PHE B 150 -17.92 18.25 -12.65
CA PHE B 150 -16.69 18.52 -11.90
C PHE B 150 -15.91 19.76 -12.42
N HIS B 151 -16.39 20.41 -13.50
CA HIS B 151 -15.80 21.61 -14.09
C HIS B 151 -15.74 22.77 -13.08
C4 CJY C . 15.17 -3.64 -0.90
C5 CJY C . 14.57 -9.18 2.48
C6 CJY C . 12.33 -8.37 5.24
C7 CJY C . 14.31 -6.50 5.68
C8 CJY C . 15.57 -4.04 1.45
C10 CJY C . 16.52 -3.44 -1.14
C13 CJY C . 14.42 -7.40 4.62
C15 CJY C . 18.06 -3.83 2.10
C17 CJY C . 15.51 -7.37 3.77
C20 CJY C . 17.79 -6.65 3.58
C24 CJY C . 20.56 -3.40 1.67
C1 CJY C . 12.22 -7.48 6.29
C2 CJY C . 13.21 -6.54 6.51
C3 CJY C . 14.72 -3.93 0.37
C9 CJY C . 13.49 -9.21 3.34
C11 CJY C . 15.58 -8.26 2.69
C12 CJY C . 13.43 -8.33 4.40
C14 CJY C . 16.92 -3.83 1.24
C16 CJY C . 17.36 -3.55 -0.03
C23 CJY C . 19.16 -3.53 1.31
C18 CJY C . 18.04 -4.10 3.56
C19 CJY C . 18.63 -5.44 3.94
N22 CJY C . 18.71 -3.36 0.03
O25 CJY C . 21.06 -3.32 2.78
O26 CJY C . 21.29 -3.35 0.53
O21 CJY C . 16.47 -6.38 4.03
C4 CJY D . -15.12 2.26 0.81
C5 CJY D . -16.64 -3.11 -2.66
C6 CJY D . -14.28 -3.11 -5.43
C7 CJY D . -15.47 -0.66 -5.76
C8 CJY D . -15.69 2.06 -1.52
C10 CJY D . -16.28 2.92 1.10
C13 CJY D . -15.89 -1.46 -4.72
C15 CJY D . -17.99 3.11 -2.06
C17 CJY D . -16.89 -1.07 -3.85
C20 CJY D . -18.76 0.41 -3.58
C24 CJY D . -20.15 4.37 -1.49
C1 CJY D . -13.88 -2.30 -6.46
C2 CJY D . -14.47 -1.07 -6.63
C3 CJY D . -14.83 1.85 -0.47
C9 CJY D . -15.67 -3.52 -3.53
C11 CJY D . -17.26 -1.89 -2.80
C12 CJY D . -15.28 -2.69 -4.57
C14 CJY D . -16.88 2.72 -1.26
C16 CJY D . -17.14 3.13 0.03
C23 CJY D . -18.88 3.75 -1.21
C18 CJY D . -18.11 2.88 -3.50
C19 CJY D . -19.14 1.84 -3.89
N22 CJY D . -18.35 3.75 0.03
O25 CJY D . -20.77 4.67 -0.33
O26 CJY D . -20.65 4.60 -2.57
O21 CJY D . -17.43 0.20 -4.07
#